data_5NAU
#
_entry.id   5NAU
#
_cell.length_a   111.620
_cell.length_b   111.620
_cell.length_c   136.710
_cell.angle_alpha   90.00
_cell.angle_beta   90.00
_cell.angle_gamma   120.00
#
_symmetry.space_group_name_H-M   'P 31 2 1'
#
loop_
_entity.id
_entity.type
_entity.pdbx_description
1 polymer Acetylcholinesterase
2 branched alpha-L-fucopyranose-(1-6)-2-acetamido-2-deoxy-beta-D-glucopyranose
3 branched alpha-D-mannopyranose-(1-3)-beta-D-mannopyranose-(1-4)-2-acetamido-2-deoxy-beta-D-glucopyranose-(1-4)-2-acetamido-2-deoxy-beta-D-glucopyranose
4 non-polymer (2~{E})-5-methoxy-2-[[1-(phenylmethyl)piperidin-4-yl]methylidene]-3~{H}-inden-1-one
5 water water
#
_entity_poly.entity_id   1
_entity_poly.type   'polypeptide(L)'
_entity_poly.pdbx_seq_one_letter_code
;DDHSELLVNTKSGKVMGTRVPVLSSHISAFLGIPFAEPPVGNMRFRRPEPKKPWSGVWNASTYPNNCQQYVDEQFPGFSG
SEMWNPNREMSEDCLYLNIWVPSPRPKSTTVMVWIYGGGFYSGSSTLDVYNGKYLAYTEEVVLVSLSYRVGAFGFLALHG
SQEAPGNVGLLDQRMALQWVHDNIQFFGGDPKTVTIFGESAGGASVGMHILSPGSRDLFRRAILQSGSPNCPWASVSVAE
GRRRAVELGRNLNCNLNSDEELIHCLREKKPQELIDVEWNVLPFDSIFRFSFVPVIDGEFFPTSLESMLNSGNFKKTQIL
LGVNKDEGSFFLLYGAPGFSKDSESKISREDFMSGVKLSVPHANDLGLDAVTLQYTDWMDDNNGIKNRDGLDDIVGDHNV
ICPLMHFVNKYTKFGNGTYLYFFNHRASNLVWPEWMGVIHGYEIEFVFGLPLVKELNYTAEEEALSRRIMHYWATFAKTG
NPNEPHSQESKWPLFTTKEQKFIDLNTEPMKVHQRLRVQMCVFWNQFLPKLLNATACDGELSS
;
_entity_poly.pdbx_strand_id   A
#
loop_
_chem_comp.id
_chem_comp.type
_chem_comp.name
_chem_comp.formula
BMA D-saccharide, beta linking beta-D-mannopyranose 'C6 H12 O6'
DZ0 non-polymer (2~{E})-5-methoxy-2-[[1-(phenylmethyl)piperidin-4-yl]methylidene]-3~{H}-inden-1-one 'C23 H25 N O2'
FUC L-saccharide, alpha linking alpha-L-fucopyranose 'C6 H12 O5'
MAN D-saccharide, alpha linking alpha-D-mannopyranose 'C6 H12 O6'
NAG D-saccharide, beta linking 2-acetamido-2-deoxy-beta-D-glucopyranose 'C8 H15 N O6'
#
# COMPACT_ATOMS: atom_id res chain seq x y z
N SER A 4 8.93 21.06 -28.08
CA SER A 4 7.74 21.37 -27.21
C SER A 4 7.88 20.80 -25.79
N GLU A 5 7.31 21.48 -24.79
CA GLU A 5 7.37 21.07 -23.39
C GLU A 5 6.69 19.71 -23.10
N LEU A 6 5.73 19.34 -23.94
CA LEU A 6 4.89 18.19 -23.80
C LEU A 6 5.34 17.09 -24.75
N LEU A 7 6.42 17.28 -25.49
CA LEU A 7 7.00 16.17 -26.22
C LEU A 7 8.28 15.72 -25.50
N VAL A 8 8.37 14.42 -25.23
CA VAL A 8 9.56 13.86 -24.56
C VAL A 8 9.96 12.64 -25.32
N ASN A 9 11.20 12.57 -25.72
CA ASN A 9 11.70 11.39 -26.39
C ASN A 9 12.34 10.54 -25.31
N THR A 10 11.98 9.26 -25.27
CA THR A 10 12.44 8.38 -24.26
C THR A 10 13.03 7.21 -24.98
N LYS A 11 13.67 6.29 -24.26
CA LYS A 11 14.31 5.12 -24.87
C LYS A 11 13.32 4.13 -25.42
N SER A 12 12.03 4.36 -25.17
CA SER A 12 10.98 3.48 -25.63
C SER A 12 10.28 4.13 -26.80
N GLY A 13 10.49 5.45 -26.94
CA GLY A 13 9.84 6.20 -27.98
C GLY A 13 9.39 7.56 -27.50
N LYS A 14 8.82 8.30 -28.41
CA LYS A 14 8.33 9.64 -28.09
C LYS A 14 6.98 9.54 -27.38
N VAL A 15 6.71 10.45 -26.47
CA VAL A 15 5.39 10.55 -25.91
C VAL A 15 4.96 11.96 -25.84
N MET A 16 3.65 12.17 -26.04
CA MET A 16 3.05 13.51 -25.98
C MET A 16 2.15 13.63 -24.77
N GLY A 17 2.50 14.54 -23.90
CA GLY A 17 1.70 14.84 -22.75
C GLY A 17 0.67 15.91 -22.95
N THR A 18 0.17 16.45 -21.83
CA THR A 18 -0.91 17.40 -21.86
C THR A 18 -0.70 18.31 -20.76
N ARG A 19 -1.15 19.54 -20.95
CA ARG A 19 -0.98 20.59 -19.96
C ARG A 19 -2.20 20.53 -19.03
N VAL A 20 -2.02 20.70 -17.73
CA VAL A 20 -3.14 20.53 -16.83
C VAL A 20 -3.16 21.61 -15.80
N PRO A 21 -4.36 22.10 -15.45
CA PRO A 21 -4.37 23.22 -14.51
C PRO A 21 -4.24 22.67 -13.13
N VAL A 22 -3.70 23.47 -12.20
CA VAL A 22 -3.53 23.04 -10.83
C VAL A 22 -3.37 24.27 -10.00
N LEU A 23 -4.27 24.49 -9.05
CA LEU A 23 -4.21 25.63 -8.12
C LEU A 23 -3.91 27.01 -8.78
N SER A 24 -4.55 27.31 -9.89
CA SER A 24 -4.34 28.62 -10.57
C SER A 24 -3.02 28.71 -11.32
N SER A 25 -2.61 27.61 -11.93
CA SER A 25 -1.35 27.54 -12.61
C SER A 25 -1.45 26.30 -13.42
N HIS A 26 -0.33 25.81 -13.92
CA HIS A 26 -0.40 24.69 -14.84
C HIS A 26 0.87 23.84 -14.69
N ILE A 27 0.77 22.54 -15.01
CA ILE A 27 1.92 21.68 -15.14
C ILE A 27 1.71 20.74 -16.29
N SER A 28 2.65 19.83 -16.56
CA SER A 28 2.52 18.91 -17.66
C SER A 28 2.16 17.58 -17.05
N ALA A 29 1.42 16.74 -17.77
CA ALA A 29 1.11 15.41 -17.28
C ALA A 29 1.29 14.50 -18.41
N PHE A 30 1.93 13.36 -18.16
CA PHE A 30 2.09 12.32 -19.17
C PHE A 30 1.42 11.06 -18.60
N LEU A 31 0.24 10.75 -19.12
CA LEU A 31 -0.68 9.82 -18.50
C LEU A 31 -0.74 8.63 -19.37
N GLY A 32 -0.72 7.45 -18.78
CA GLY A 32 -0.93 6.28 -19.60
C GLY A 32 0.24 5.81 -20.46
N ILE A 33 1.47 5.97 -19.97
CA ILE A 33 2.64 5.50 -20.69
C ILE A 33 2.84 4.04 -20.40
N PRO A 34 3.01 3.17 -21.42
CA PRO A 34 3.23 1.76 -21.20
C PRO A 34 4.66 1.47 -20.81
N PHE A 35 4.85 0.61 -19.80
CA PHE A 35 6.14 0.15 -19.37
C PHE A 35 6.34 -1.37 -19.50
N ALA A 36 5.34 -2.10 -19.99
CA ALA A 36 5.50 -3.52 -20.21
C ALA A 36 4.65 -3.92 -21.36
N GLU A 37 4.90 -5.08 -21.92
CA GLU A 37 3.95 -5.67 -22.85
C GLU A 37 2.63 -5.98 -22.09
N PRO A 38 1.44 -5.83 -22.75
CA PRO A 38 0.17 -6.34 -22.29
C PRO A 38 0.19 -7.76 -21.80
N PRO A 39 -0.13 -8.01 -20.53
CA PRO A 39 0.00 -9.34 -20.04
C PRO A 39 -1.26 -10.19 -20.29
N VAL A 40 -1.56 -10.41 -21.58
CA VAL A 40 -2.83 -10.94 -22.03
C VAL A 40 -2.61 -12.28 -22.66
N GLY A 41 -3.70 -13.00 -22.86
CA GLY A 41 -3.63 -14.34 -23.44
C GLY A 41 -2.74 -15.23 -22.63
N ASN A 42 -1.78 -15.87 -23.29
CA ASN A 42 -0.83 -16.84 -22.73
C ASN A 42 0.19 -16.18 -21.79
N MET A 43 0.26 -14.88 -21.78
CA MET A 43 1.08 -14.13 -20.85
C MET A 43 0.41 -13.88 -19.44
N ARG A 44 -0.87 -14.29 -19.30
CA ARG A 44 -1.63 -14.11 -18.04
C ARG A 44 -0.90 -14.97 -17.03
N PHE A 45 -0.63 -14.40 -15.86
CA PHE A 45 0.17 -15.02 -14.77
C PHE A 45 1.71 -15.05 -14.96
N ARG A 46 2.19 -14.71 -16.16
CA ARG A 46 3.61 -14.62 -16.44
C ARG A 46 4.30 -13.36 -15.90
N ARG A 47 5.60 -13.47 -15.67
CA ARG A 47 6.44 -12.30 -15.47
C ARG A 47 6.19 -11.27 -16.54
N PRO A 48 6.17 -10.01 -16.14
CA PRO A 48 6.00 -8.98 -17.15
C PRO A 48 7.20 -8.98 -18.16
N GLU A 49 6.97 -8.61 -19.42
CA GLU A 49 8.05 -8.38 -20.41
C GLU A 49 8.13 -6.87 -20.74
N PRO A 50 9.33 -6.35 -21.05
CA PRO A 50 9.41 -4.91 -21.29
C PRO A 50 8.69 -4.50 -22.53
N LYS A 51 8.17 -3.28 -22.53
CA LYS A 51 7.39 -2.76 -23.63
C LYS A 51 8.34 -2.62 -24.86
N LYS A 52 7.98 -3.22 -26.00
CA LYS A 52 8.74 -3.08 -27.23
C LYS A 52 8.66 -1.61 -27.64
N PRO A 53 9.79 -1.05 -28.03
CA PRO A 53 9.75 0.41 -28.30
C PRO A 53 8.91 0.69 -29.49
N TRP A 54 8.37 1.89 -29.55
CA TRP A 54 7.40 2.24 -30.61
C TRP A 54 7.93 3.39 -31.47
N SER A 55 7.56 3.40 -32.74
CA SER A 55 7.84 4.56 -33.59
C SER A 55 6.63 5.48 -33.47
N GLY A 56 6.75 6.74 -33.82
CA GLY A 56 5.61 7.61 -33.68
C GLY A 56 5.51 8.17 -32.29
N VAL A 57 4.46 8.96 -32.06
CA VAL A 57 4.24 9.65 -30.80
C VAL A 57 3.10 8.97 -30.08
N TRP A 58 3.42 8.43 -28.91
CA TRP A 58 2.45 7.84 -28.02
C TRP A 58 1.66 8.93 -27.40
N ASN A 59 0.34 8.88 -27.61
CA ASN A 59 -0.57 9.95 -27.09
C ASN A 59 -0.63 9.72 -25.59
N ALA A 60 -0.15 10.63 -24.77
CA ALA A 60 -0.21 10.36 -23.34
C ALA A 60 -1.02 11.41 -22.69
N SER A 61 -2.18 11.72 -23.30
CA SER A 61 -3.04 12.79 -22.74
C SER A 61 -4.12 12.29 -21.76
N THR A 62 -4.39 10.99 -21.74
CA THR A 62 -5.46 10.46 -20.87
C THR A 62 -5.04 9.25 -20.05
N TYR A 63 -5.70 9.11 -18.92
CA TYR A 63 -5.43 8.00 -18.01
C TYR A 63 -5.67 6.70 -18.71
N PRO A 64 -4.93 5.69 -18.35
CA PRO A 64 -5.08 4.42 -18.92
C PRO A 64 -6.19 3.61 -18.20
N ASN A 65 -6.41 2.38 -18.67
CA ASN A 65 -7.16 1.38 -17.96
C ASN A 65 -6.60 0.97 -16.57
N ASN A 66 -7.52 0.69 -15.65
CA ASN A 66 -7.21 0.05 -14.36
C ASN A 66 -7.15 -1.43 -14.57
N CYS A 67 -6.37 -2.15 -13.75
CA CYS A 67 -6.33 -3.60 -13.88
C CYS A 67 -7.65 -4.27 -13.45
N GLN A 68 -7.90 -5.48 -13.94
CA GLN A 68 -9.03 -6.28 -13.56
C GLN A 68 -8.98 -6.59 -12.08
N GLN A 69 -10.04 -6.20 -11.37
CA GLN A 69 -10.14 -6.31 -9.94
C GLN A 69 -11.60 -6.41 -9.42
N TYR A 70 -11.74 -6.96 -8.21
CA TYR A 70 -12.95 -6.83 -7.41
C TYR A 70 -13.36 -5.38 -7.29
N VAL A 71 -14.65 -5.10 -7.56
CA VAL A 71 -15.24 -3.79 -7.42
C VAL A 71 -16.23 -3.74 -6.21
N ASP A 72 -16.00 -2.82 -5.28
CA ASP A 72 -16.82 -2.70 -4.06
C ASP A 72 -18.20 -2.17 -4.45
N GLU A 73 -19.25 -2.94 -4.16
CA GLU A 73 -20.64 -2.48 -4.40
C GLU A 73 -21.51 -2.37 -3.10
N GLN A 74 -20.88 -2.31 -1.94
CA GLN A 74 -21.63 -2.29 -0.67
C GLN A 74 -22.41 -1.05 -0.42
N PHE A 75 -22.00 0.04 -1.02
CA PHE A 75 -22.59 1.33 -0.78
C PHE A 75 -22.59 2.04 -2.11
N PRO A 76 -23.41 1.54 -3.06
CA PRO A 76 -23.50 2.15 -4.35
C PRO A 76 -23.79 3.64 -4.24
N GLY A 77 -23.07 4.42 -5.05
CA GLY A 77 -23.06 5.86 -4.96
C GLY A 77 -22.41 6.52 -3.75
N PHE A 78 -21.96 5.78 -2.74
CA PHE A 78 -21.39 6.45 -1.58
C PHE A 78 -19.90 6.82 -1.89
N SER A 79 -19.54 8.10 -1.80
CA SER A 79 -18.17 8.56 -2.19
C SER A 79 -17.08 7.88 -1.33
N GLY A 80 -17.44 7.53 -0.09
CA GLY A 80 -16.50 6.97 0.83
C GLY A 80 -15.86 5.71 0.32
N SER A 81 -16.66 4.92 -0.40
CA SER A 81 -16.20 3.62 -0.85
C SER A 81 -15.83 3.68 -2.31
N GLU A 82 -16.57 4.50 -3.04
CA GLU A 82 -16.37 4.61 -4.46
C GLU A 82 -15.10 5.39 -4.84
N MET A 83 -14.61 6.24 -3.95
CA MET A 83 -13.36 6.89 -4.18
C MET A 83 -12.15 5.89 -4.24
N TRP A 84 -12.35 4.60 -3.94
CA TRP A 84 -11.34 3.57 -4.05
C TRP A 84 -11.47 2.64 -5.23
N ASN A 85 -12.57 2.76 -5.95
CA ASN A 85 -12.86 1.81 -6.99
C ASN A 85 -12.29 2.31 -8.28
N PRO A 86 -12.12 1.41 -9.25
CA PRO A 86 -11.63 1.80 -10.53
C PRO A 86 -12.48 2.89 -11.16
N ASN A 87 -11.87 4.01 -11.55
CA ASN A 87 -12.58 5.03 -12.30
C ASN A 87 -12.36 5.02 -13.83
N ARG A 88 -11.77 3.96 -14.37
CA ARG A 88 -11.68 3.75 -15.82
C ARG A 88 -12.10 2.34 -16.16
N GLU A 89 -12.21 2.01 -17.43
CA GLU A 89 -12.57 0.64 -17.78
C GLU A 89 -11.48 -0.25 -17.24
N MET A 90 -11.81 -1.49 -16.89
CA MET A 90 -10.84 -2.41 -16.39
C MET A 90 -10.37 -3.23 -17.58
N SER A 91 -9.11 -3.66 -17.57
CA SER A 91 -8.59 -4.48 -18.61
C SER A 91 -7.37 -5.22 -18.13
N GLU A 92 -7.16 -6.44 -18.62
CA GLU A 92 -5.87 -7.10 -18.43
C GLU A 92 -4.70 -6.26 -19.00
N ASP A 93 -5.02 -5.31 -19.87
CA ASP A 93 -4.03 -4.45 -20.47
C ASP A 93 -3.90 -3.25 -19.62
N CYS A 94 -3.08 -3.38 -18.59
CA CYS A 94 -3.12 -2.29 -17.61
C CYS A 94 -1.78 -1.81 -17.05
N LEU A 95 -0.68 -2.27 -17.64
CA LEU A 95 0.67 -1.92 -17.13
C LEU A 95 1.17 -0.60 -17.72
N TYR A 96 0.77 0.50 -17.07
CA TYR A 96 1.01 1.86 -17.53
C TYR A 96 1.43 2.69 -16.34
N LEU A 97 2.01 3.87 -16.59
CA LEU A 97 2.35 4.77 -15.52
C LEU A 97 2.01 6.12 -15.89
N ASN A 98 1.93 7.04 -14.93
CA ASN A 98 1.57 8.43 -15.16
C ASN A 98 2.62 9.32 -14.52
N ILE A 99 2.94 10.44 -15.18
CA ILE A 99 3.98 11.32 -14.69
C ILE A 99 3.53 12.74 -14.69
N TRP A 100 3.70 13.41 -13.59
CA TRP A 100 3.38 14.83 -13.47
C TRP A 100 4.68 15.60 -13.30
N VAL A 101 4.89 16.59 -14.15
CA VAL A 101 6.15 17.31 -14.23
C VAL A 101 5.93 18.78 -14.14
N PRO A 102 6.60 19.44 -13.20
CA PRO A 102 6.57 20.89 -13.14
C PRO A 102 6.86 21.56 -14.48
N SER A 103 6.47 22.81 -14.56
CA SER A 103 6.50 23.57 -15.79
C SER A 103 6.92 24.94 -15.35
N PRO A 104 8.03 25.41 -15.87
CA PRO A 104 8.79 24.72 -16.91
C PRO A 104 9.49 23.43 -16.45
N ARG A 105 9.75 22.54 -17.41
CA ARG A 105 10.44 21.30 -17.19
C ARG A 105 11.73 21.56 -16.44
N PRO A 106 11.93 20.85 -15.32
CA PRO A 106 13.19 20.95 -14.58
C PRO A 106 14.28 20.14 -15.29
N LYS A 107 15.49 20.23 -14.78
CA LYS A 107 16.61 19.55 -15.41
C LYS A 107 16.88 18.28 -14.66
N SER A 108 16.90 18.33 -13.34
CA SER A 108 17.20 17.13 -12.61
C SER A 108 16.58 17.28 -11.23
N THR A 109 15.31 16.97 -11.11
CA THR A 109 14.70 17.14 -9.80
C THR A 109 14.28 15.81 -9.14
N THR A 110 14.07 15.90 -7.84
CA THR A 110 13.65 14.75 -7.04
C THR A 110 12.39 14.10 -7.60
N VAL A 111 12.42 12.78 -7.63
CA VAL A 111 11.36 11.96 -8.18
C VAL A 111 10.67 11.19 -7.06
N MET A 112 9.33 11.14 -7.12
CA MET A 112 8.54 10.40 -6.14
C MET A 112 7.69 9.38 -6.91
N VAL A 113 7.73 8.13 -6.46
CA VAL A 113 7.01 7.09 -7.19
C VAL A 113 6.01 6.39 -6.25
N TRP A 114 4.74 6.59 -6.55
CA TRP A 114 3.61 6.17 -5.75
C TRP A 114 3.20 4.76 -6.14
N ILE A 115 3.15 3.88 -5.15
CA ILE A 115 2.65 2.49 -5.38
C ILE A 115 1.31 2.33 -4.63
N TYR A 116 0.21 2.18 -5.39
CA TYR A 116 -1.10 2.08 -4.76
C TYR A 116 -1.32 0.85 -3.86
N GLY A 117 -2.07 1.06 -2.77
CA GLY A 117 -2.59 -0.06 -1.93
C GLY A 117 -3.87 -0.66 -2.53
N GLY A 118 -4.55 -1.52 -1.73
CA GLY A 118 -5.69 -2.30 -2.21
C GLY A 118 -5.64 -3.74 -1.81
N GLY A 119 -4.91 -4.07 -0.75
CA GLY A 119 -4.82 -5.47 -0.26
C GLY A 119 -4.28 -6.47 -1.29
N PHE A 120 -3.65 -5.97 -2.34
CA PHE A 120 -3.05 -6.81 -3.43
C PHE A 120 -4.13 -7.42 -4.32
N TYR A 121 -5.42 -7.04 -4.09
CA TYR A 121 -6.59 -7.58 -4.83
C TYR A 121 -7.25 -6.50 -5.59
N SER A 122 -6.85 -5.26 -5.30
CA SER A 122 -7.38 -4.18 -6.06
C SER A 122 -6.44 -3.01 -6.04
N GLY A 123 -6.91 -1.94 -6.65
CA GLY A 123 -6.29 -0.59 -6.59
C GLY A 123 -6.07 -0.04 -8.01
N SER A 124 -5.81 1.24 -8.11
CA SER A 124 -5.72 1.93 -9.37
C SER A 124 -4.82 3.15 -9.21
N SER A 125 -4.06 3.45 -10.25
CA SER A 125 -3.22 4.66 -10.24
C SER A 125 -4.01 5.91 -10.53
N THR A 126 -5.23 5.74 -11.04
CA THR A 126 -6.02 6.84 -11.61
C THR A 126 -6.98 7.53 -10.69
N LEU A 127 -7.00 7.15 -9.42
CA LEU A 127 -7.96 7.69 -8.50
C LEU A 127 -7.70 9.13 -8.22
N ASP A 128 -8.78 9.87 -7.99
CA ASP A 128 -8.70 11.28 -7.67
C ASP A 128 -7.74 11.58 -6.49
N VAL A 129 -7.74 10.73 -5.51
CA VAL A 129 -6.98 11.01 -4.30
C VAL A 129 -5.47 10.71 -4.48
N TYR A 130 -5.10 10.05 -5.60
CA TYR A 130 -3.69 9.77 -5.98
C TYR A 130 -3.25 10.74 -7.12
N ASN A 131 -4.02 11.79 -7.42
CA ASN A 131 -3.63 12.75 -8.48
C ASN A 131 -2.37 13.55 -8.09
N GLY A 132 -1.30 13.33 -8.86
CA GLY A 132 0.03 13.85 -8.51
C GLY A 132 0.29 15.35 -8.66
N LYS A 133 -0.66 16.06 -9.24
CA LYS A 133 -0.41 17.36 -9.75
C LYS A 133 -0.20 18.37 -8.67
N TYR A 134 -0.82 18.19 -7.51
CA TYR A 134 -0.76 19.22 -6.49
C TYR A 134 0.58 19.12 -5.83
N LEU A 135 1.04 17.89 -5.72
CA LEU A 135 2.29 17.60 -5.04
C LEU A 135 3.45 17.97 -5.99
N ALA A 136 3.42 17.50 -7.22
CA ALA A 136 4.34 17.96 -8.26
C ALA A 136 4.51 19.50 -8.26
N TYR A 137 3.38 20.20 -8.30
CA TYR A 137 3.36 21.62 -8.37
C TYR A 137 3.81 22.28 -7.11
N THR A 138 3.42 21.78 -5.95
CA THR A 138 3.71 22.51 -4.71
C THR A 138 5.16 22.33 -4.27
N GLU A 139 5.72 21.16 -4.51
CA GLU A 139 7.03 20.82 -3.97
C GLU A 139 8.04 20.69 -5.08
N GLU A 140 7.63 20.87 -6.30
CA GLU A 140 8.54 20.81 -7.40
C GLU A 140 9.22 19.47 -7.45
N VAL A 141 8.44 18.42 -7.51
CA VAL A 141 8.95 17.07 -7.70
C VAL A 141 8.31 16.59 -8.96
N VAL A 142 8.99 15.63 -9.57
CA VAL A 142 8.37 14.83 -10.56
C VAL A 142 7.69 13.58 -9.88
N LEU A 143 6.37 13.46 -10.07
CA LEU A 143 5.58 12.50 -9.32
C LEU A 143 5.21 11.42 -10.31
N VAL A 144 5.59 10.19 -10.02
CA VAL A 144 5.18 9.11 -10.89
C VAL A 144 4.18 8.25 -10.13
N SER A 145 3.21 7.69 -10.86
CA SER A 145 2.36 6.60 -10.28
C SER A 145 2.38 5.48 -11.22
N LEU A 146 2.70 4.32 -10.71
CA LEU A 146 2.74 3.15 -11.53
C LEU A 146 1.46 2.31 -11.30
N SER A 147 1.34 1.23 -12.03
CA SER A 147 0.34 0.25 -11.78
C SER A 147 0.98 -1.09 -11.78
N TYR A 148 0.26 -2.04 -11.24
CA TYR A 148 0.65 -3.47 -11.21
C TYR A 148 -0.58 -4.40 -11.13
N ARG A 149 -0.43 -5.61 -11.67
CA ARG A 149 -1.49 -6.61 -11.64
C ARG A 149 -1.83 -7.02 -10.17
N VAL A 150 -3.14 -7.14 -9.89
CA VAL A 150 -3.64 -7.46 -8.53
C VAL A 150 -4.45 -8.77 -8.60
N GLY A 151 -4.85 -9.30 -7.45
CA GLY A 151 -5.58 -10.55 -7.46
C GLY A 151 -4.82 -11.70 -8.06
N ALA A 152 -5.53 -12.62 -8.65
CA ALA A 152 -4.88 -13.79 -9.14
C ALA A 152 -4.03 -13.44 -10.35
N PHE A 153 -4.38 -12.38 -11.07
CA PHE A 153 -3.62 -11.95 -12.23
C PHE A 153 -2.20 -11.52 -11.88
N GLY A 154 -2.07 -10.91 -10.70
CA GLY A 154 -0.80 -10.49 -10.15
C GLY A 154 -0.11 -11.45 -9.24
N PHE A 155 -0.82 -12.42 -8.66
CA PHE A 155 -0.27 -13.12 -7.51
C PHE A 155 -0.61 -14.61 -7.40
N LEU A 156 -1.31 -15.18 -8.37
CA LEU A 156 -1.43 -16.62 -8.40
C LEU A 156 -0.04 -17.25 -8.38
N ALA A 157 0.17 -18.25 -7.54
CA ALA A 157 1.48 -18.79 -7.30
C ALA A 157 1.59 -20.31 -7.29
N LEU A 158 2.20 -20.83 -8.38
CA LEU A 158 2.47 -22.26 -8.53
C LEU A 158 3.96 -22.44 -8.59
N HIS A 159 4.55 -22.42 -7.43
CA HIS A 159 5.99 -22.36 -7.34
C HIS A 159 6.60 -23.56 -7.99
N GLY A 160 7.55 -23.32 -8.89
CA GLY A 160 8.24 -24.41 -9.58
C GLY A 160 7.87 -24.39 -11.04
N SER A 161 6.76 -23.73 -11.32
CA SER A 161 6.32 -23.46 -12.64
C SER A 161 6.84 -22.10 -13.11
N GLN A 162 7.10 -21.98 -14.42
CA GLN A 162 7.54 -20.70 -14.98
C GLN A 162 6.40 -19.94 -15.59
N GLU A 163 5.26 -20.60 -15.70
CA GLU A 163 4.09 -19.98 -16.34
C GLU A 163 3.25 -19.15 -15.32
N ALA A 164 3.26 -19.56 -14.02
CA ALA A 164 2.58 -18.84 -12.91
C ALA A 164 3.44 -18.98 -11.66
N PRO A 165 4.58 -18.25 -11.66
CA PRO A 165 5.59 -18.39 -10.60
C PRO A 165 5.21 -17.75 -9.28
N GLY A 166 4.26 -16.84 -9.30
CA GLY A 166 4.03 -15.98 -8.12
C GLY A 166 4.75 -14.64 -8.28
N ASN A 167 4.37 -13.68 -7.46
CA ASN A 167 4.99 -12.40 -7.37
C ASN A 167 5.00 -11.57 -8.65
N VAL A 168 4.22 -11.91 -9.66
CA VAL A 168 4.34 -11.19 -10.91
C VAL A 168 3.95 -9.74 -10.83
N GLY A 169 3.10 -9.43 -9.84
CA GLY A 169 2.63 -8.08 -9.62
C GLY A 169 3.72 -7.24 -9.01
N LEU A 170 4.55 -7.86 -8.18
CA LEU A 170 5.71 -7.13 -7.64
C LEU A 170 6.77 -6.90 -8.77
N LEU A 171 6.93 -7.86 -9.63
CA LEU A 171 7.77 -7.69 -10.82
C LEU A 171 7.20 -6.62 -11.74
N ASP A 172 5.87 -6.47 -11.85
CA ASP A 172 5.35 -5.30 -12.55
C ASP A 172 5.86 -4.01 -11.94
N GLN A 173 5.90 -3.97 -10.63
CA GLN A 173 6.24 -2.72 -10.03
C GLN A 173 7.75 -2.45 -10.34
N ARG A 174 8.53 -3.51 -10.26
CA ARG A 174 9.97 -3.48 -10.45
C ARG A 174 10.30 -3.00 -11.83
N MET A 175 9.57 -3.48 -12.84
CA MET A 175 9.73 -3.01 -14.19
C MET A 175 9.39 -1.56 -14.39
N ALA A 176 8.46 -1.02 -13.63
CA ALA A 176 8.09 0.36 -13.84
C ALA A 176 9.21 1.21 -13.22
N LEU A 177 9.74 0.72 -12.13
CA LEU A 177 10.84 1.40 -11.48
C LEU A 177 12.13 1.27 -12.35
N GLN A 178 12.36 0.16 -13.03
CA GLN A 178 13.43 0.07 -14.03
C GLN A 178 13.24 1.17 -15.04
N TRP A 179 12.01 1.31 -15.52
CA TRP A 179 11.70 2.25 -16.56
C TRP A 179 11.92 3.66 -16.07
N VAL A 180 11.62 3.92 -14.82
CA VAL A 180 11.82 5.26 -14.26
C VAL A 180 13.35 5.49 -14.15
N HIS A 181 14.04 4.49 -13.65
CA HIS A 181 15.48 4.53 -13.58
C HIS A 181 16.06 4.88 -14.97
N ASP A 182 15.67 4.14 -15.98
CA ASP A 182 16.17 4.34 -17.29
C ASP A 182 15.68 5.61 -18.03
N ASN A 183 14.54 6.22 -17.67
CA ASN A 183 13.96 7.30 -18.53
C ASN A 183 13.54 8.56 -17.84
N ILE A 184 13.46 8.55 -16.53
CA ILE A 184 12.94 9.74 -15.90
C ILE A 184 13.79 11.00 -16.18
N GLN A 185 15.08 10.82 -16.47
CA GLN A 185 15.97 11.98 -16.81
C GLN A 185 15.36 12.78 -17.94
N PHE A 186 14.67 12.12 -18.86
CA PHE A 186 14.16 12.84 -20.02
C PHE A 186 12.98 13.76 -19.71
N PHE A 187 12.40 13.61 -18.50
CA PHE A 187 11.24 14.39 -18.06
C PHE A 187 11.72 15.39 -17.05
N GLY A 188 13.00 15.32 -16.74
CA GLY A 188 13.65 16.25 -15.84
C GLY A 188 13.84 15.73 -14.44
N GLY A 189 13.53 14.45 -14.26
CA GLY A 189 13.74 13.87 -12.95
C GLY A 189 15.14 13.41 -12.80
N ASP A 190 15.60 13.38 -11.58
CA ASP A 190 16.88 12.81 -11.20
C ASP A 190 16.79 11.34 -10.74
N PRO A 191 17.25 10.40 -11.57
CA PRO A 191 17.25 8.99 -11.27
C PRO A 191 18.04 8.55 -10.10
N LYS A 192 18.87 9.39 -9.54
CA LYS A 192 19.53 8.94 -8.33
C LYS A 192 18.88 9.49 -7.08
N THR A 193 17.78 10.22 -7.26
CA THR A 193 17.01 10.63 -6.13
C THR A 193 15.56 10.20 -6.35
N VAL A 194 15.32 8.90 -6.55
CA VAL A 194 13.96 8.32 -6.61
C VAL A 194 13.51 7.83 -5.24
N THR A 195 12.54 8.51 -4.62
CA THR A 195 11.86 7.97 -3.42
C THR A 195 10.63 7.13 -3.90
N ILE A 196 10.53 5.87 -3.45
CA ILE A 196 9.27 5.09 -3.68
C ILE A 196 8.40 5.23 -2.40
N PHE A 197 7.13 5.60 -2.63
CA PHE A 197 6.16 5.73 -1.53
C PHE A 197 4.85 5.00 -1.79
N GLY A 198 4.30 4.43 -0.73
CA GLY A 198 3.09 3.58 -0.84
C GLY A 198 2.26 3.50 0.45
N GLU A 199 0.94 3.31 0.28
CA GLU A 199 0.03 3.08 1.41
C GLU A 199 -0.52 1.67 1.49
N SER A 200 -0.59 1.14 2.70
CA SER A 200 -1.13 -0.19 2.96
C SER A 200 -0.36 -1.24 2.15
N ALA A 201 -0.98 -1.96 1.22
CA ALA A 201 -0.23 -2.93 0.43
C ALA A 201 0.82 -2.24 -0.45
N GLY A 202 0.60 -0.96 -0.74
CA GLY A 202 1.57 -0.14 -1.40
C GLY A 202 2.78 0.01 -0.48
N GLY A 203 2.54 0.22 0.82
CA GLY A 203 3.57 0.32 1.79
C GLY A 203 4.34 -0.96 2.00
N ALA A 204 3.63 -2.07 2.05
CA ALA A 204 4.28 -3.34 2.14
C ALA A 204 5.12 -3.62 0.84
N SER A 205 4.54 -3.26 -0.30
CA SER A 205 5.23 -3.37 -1.58
C SER A 205 6.60 -2.57 -1.46
N VAL A 206 6.56 -1.32 -1.01
CA VAL A 206 7.78 -0.56 -0.77
C VAL A 206 8.81 -1.34 0.04
N GLY A 207 8.36 -1.87 1.16
CA GLY A 207 9.21 -2.66 2.03
C GLY A 207 9.79 -3.89 1.40
N MET A 208 9.05 -4.46 0.51
CA MET A 208 9.46 -5.63 -0.14
C MET A 208 10.57 -5.36 -1.20
N HIS A 209 10.53 -4.19 -1.84
CA HIS A 209 11.54 -3.77 -2.81
C HIS A 209 12.81 -3.37 -2.08
N ILE A 210 12.66 -2.93 -0.84
CA ILE A 210 13.80 -2.72 0.08
C ILE A 210 14.49 -3.99 0.43
N LEU A 211 13.71 -5.10 0.55
CA LEU A 211 14.28 -6.35 0.92
C LEU A 211 14.73 -7.09 -0.31
N SER A 212 14.01 -7.00 -1.39
CA SER A 212 14.36 -7.81 -2.55
C SER A 212 15.64 -7.33 -3.27
N PRO A 213 16.67 -8.20 -3.33
CA PRO A 213 17.95 -7.88 -4.02
C PRO A 213 17.77 -7.40 -5.45
N GLY A 214 16.84 -7.99 -6.19
CA GLY A 214 16.60 -7.52 -7.53
C GLY A 214 15.92 -6.17 -7.65
N SER A 215 15.48 -5.59 -6.53
CA SER A 215 14.83 -4.32 -6.63
C SER A 215 15.65 -3.20 -6.04
N ARG A 216 16.53 -3.54 -5.11
CA ARG A 216 17.18 -2.49 -4.29
C ARG A 216 17.90 -1.37 -5.01
N ASP A 217 18.46 -1.65 -6.19
CA ASP A 217 19.36 -0.67 -6.82
C ASP A 217 18.57 0.35 -7.52
N LEU A 218 17.27 0.06 -7.74
CA LEU A 218 16.41 0.89 -8.57
C LEU A 218 15.83 2.13 -7.92
N PHE A 219 16.13 2.40 -6.67
CA PHE A 219 15.55 3.56 -6.06
C PHE A 219 16.47 3.98 -4.96
N ARG A 220 16.28 5.15 -4.39
CA ARG A 220 17.24 5.64 -3.39
C ARG A 220 16.74 5.56 -1.94
N ARG A 221 15.49 5.97 -1.75
CA ARG A 221 14.85 5.92 -0.40
C ARG A 221 13.33 5.67 -0.45
N ALA A 222 12.73 5.55 0.71
CA ALA A 222 11.41 4.91 0.86
C ALA A 222 10.58 5.48 1.98
N ILE A 223 9.30 5.66 1.63
CA ILE A 223 8.24 6.03 2.56
C ILE A 223 7.17 4.87 2.57
N LEU A 224 6.85 4.37 3.76
CA LEU A 224 5.84 3.34 4.00
C LEU A 224 4.68 3.93 4.93
N GLN A 225 3.47 3.98 4.39
CA GLN A 225 2.27 4.47 5.07
C GLN A 225 1.37 3.26 5.37
N SER A 226 1.32 2.85 6.64
CA SER A 226 0.33 1.93 7.18
C SER A 226 0.53 0.65 6.45
N GLY A 227 1.72 0.14 6.46
CA GLY A 227 1.98 -1.09 5.67
C GLY A 227 3.43 -1.44 5.82
N SER A 228 3.71 -2.73 5.86
CA SER A 228 5.07 -3.13 6.08
C SER A 228 5.13 -4.51 5.54
N PRO A 229 6.32 -4.91 5.03
CA PRO A 229 6.42 -6.12 4.20
C PRO A 229 6.11 -7.41 5.00
N ASN A 230 6.39 -7.37 6.28
CA ASN A 230 6.00 -8.46 7.19
C ASN A 230 4.54 -8.44 7.74
N CYS A 231 3.60 -7.68 7.18
CA CYS A 231 2.23 -7.74 7.69
C CYS A 231 1.72 -9.19 7.52
N PRO A 232 0.92 -9.69 8.47
CA PRO A 232 0.53 -11.15 8.38
C PRO A 232 -0.36 -11.46 7.22
N TRP A 233 -0.91 -10.44 6.61
CA TRP A 233 -1.73 -10.57 5.44
C TRP A 233 -0.97 -10.40 4.11
N ALA A 234 0.27 -9.92 4.16
CA ALA A 234 0.90 -9.49 2.88
C ALA A 234 1.76 -10.59 2.24
N SER A 235 1.84 -11.79 2.79
CA SER A 235 2.46 -12.86 2.05
C SER A 235 2.02 -14.21 2.55
N VAL A 236 2.30 -15.24 1.79
CA VAL A 236 2.00 -16.60 2.14
C VAL A 236 3.19 -17.45 1.74
N SER A 237 3.25 -18.66 2.29
CA SER A 237 4.28 -19.62 1.93
C SER A 237 4.02 -20.11 0.53
N VAL A 238 4.95 -20.87 -0.09
CA VAL A 238 4.69 -21.46 -1.41
C VAL A 238 3.70 -22.60 -1.35
N ALA A 239 3.70 -23.35 -0.26
CA ALA A 239 2.64 -24.42 -0.11
C ALA A 239 1.22 -23.77 -0.02
N GLU A 240 1.06 -22.66 0.71
CA GLU A 240 -0.26 -21.98 0.79
C GLU A 240 -0.69 -21.37 -0.47
N GLY A 241 0.27 -20.78 -1.19
CA GLY A 241 -0.02 -20.28 -2.52
C GLY A 241 -0.52 -21.34 -3.50
N ARG A 242 0.19 -22.44 -3.52
CA ARG A 242 -0.17 -23.56 -4.29
C ARG A 242 -1.57 -23.98 -3.95
N ARG A 243 -1.84 -24.19 -2.67
CA ARG A 243 -3.17 -24.67 -2.20
C ARG A 243 -4.23 -23.72 -2.71
N ARG A 244 -3.98 -22.42 -2.59
CA ARG A 244 -4.98 -21.45 -3.04
C ARG A 244 -5.23 -21.44 -4.50
N ALA A 245 -4.17 -21.71 -5.28
CA ALA A 245 -4.36 -21.72 -6.71
C ALA A 245 -5.07 -22.97 -7.18
N VAL A 246 -4.76 -24.11 -6.59
CA VAL A 246 -5.49 -25.34 -6.89
C VAL A 246 -7.02 -25.17 -6.55
N GLU A 247 -7.30 -24.57 -5.39
CA GLU A 247 -8.64 -24.35 -4.95
C GLU A 247 -9.30 -23.38 -5.85
N LEU A 248 -8.57 -22.38 -6.36
CA LEU A 248 -9.20 -21.49 -7.32
C LEU A 248 -9.61 -22.28 -8.51
N GLY A 249 -8.82 -23.29 -8.88
CA GLY A 249 -9.14 -24.06 -10.06
C GLY A 249 -10.31 -25.03 -9.82
N ARG A 250 -10.30 -25.65 -8.64
CA ARG A 250 -11.43 -26.39 -8.15
C ARG A 250 -12.71 -25.53 -8.22
N ASN A 251 -12.65 -24.24 -7.93
CA ASN A 251 -13.89 -23.47 -8.00
C ASN A 251 -14.36 -23.25 -9.39
N LEU A 252 -13.46 -23.45 -10.37
CA LEU A 252 -13.81 -23.20 -11.77
C LEU A 252 -13.84 -24.45 -12.68
N ASN A 253 -13.91 -25.63 -12.05
CA ASN A 253 -13.96 -26.95 -12.70
C ASN A 253 -12.78 -27.18 -13.63
N CYS A 254 -11.59 -26.96 -13.09
CA CYS A 254 -10.38 -27.04 -13.84
C CYS A 254 -9.87 -28.41 -13.64
N ASN A 255 -9.15 -28.90 -14.64
CA ASN A 255 -8.35 -30.08 -14.47
C ASN A 255 -7.20 -29.70 -13.58
N LEU A 256 -7.04 -30.40 -12.47
CA LEU A 256 -6.02 -30.14 -11.47
C LEU A 256 -4.89 -31.14 -11.44
N ASN A 257 -4.70 -31.93 -12.50
CA ASN A 257 -3.66 -32.98 -12.43
C ASN A 257 -2.22 -32.49 -12.56
N SER A 258 -2.06 -31.31 -13.15
CA SER A 258 -0.73 -30.72 -13.32
C SER A 258 -0.84 -29.22 -13.31
N ASP A 259 0.29 -28.60 -12.99
CA ASP A 259 0.46 -27.17 -13.11
C ASP A 259 0.03 -26.72 -14.48
N GLU A 260 0.41 -27.46 -15.51
CA GLU A 260 0.17 -27.04 -16.90
C GLU A 260 -1.30 -27.17 -17.29
N GLU A 261 -1.93 -28.26 -16.88
CA GLU A 261 -3.40 -28.35 -17.04
C GLU A 261 -4.13 -27.17 -16.29
N LEU A 262 -3.72 -26.88 -15.07
CA LEU A 262 -4.47 -25.91 -14.27
C LEU A 262 -4.29 -24.54 -14.85
N ILE A 263 -3.05 -24.21 -15.15
CA ILE A 263 -2.78 -22.88 -15.69
C ILE A 263 -3.49 -22.77 -16.99
N HIS A 264 -3.47 -23.80 -17.82
CA HIS A 264 -4.11 -23.65 -19.14
C HIS A 264 -5.58 -23.35 -18.96
N CYS A 265 -6.16 -24.04 -17.97
CA CYS A 265 -7.59 -23.86 -17.66
C CYS A 265 -7.85 -22.42 -17.19
N LEU A 266 -7.08 -21.96 -16.18
CA LEU A 266 -7.25 -20.56 -15.68
C LEU A 266 -7.06 -19.54 -16.78
N ARG A 267 -6.21 -19.83 -17.74
CA ARG A 267 -6.00 -18.86 -18.84
C ARG A 267 -7.15 -18.75 -19.81
N GLU A 268 -7.96 -19.80 -19.98
CA GLU A 268 -9.17 -19.72 -20.87
C GLU A 268 -10.31 -18.86 -20.24
N LYS A 269 -10.34 -18.68 -18.90
CA LYS A 269 -11.48 -18.02 -18.24
C LYS A 269 -11.50 -16.56 -18.53
N LYS A 270 -12.68 -15.95 -18.57
CA LYS A 270 -12.78 -14.48 -18.65
C LYS A 270 -12.36 -13.93 -17.29
N PRO A 271 -11.76 -12.74 -17.27
CA PRO A 271 -11.26 -12.24 -15.99
C PRO A 271 -12.35 -12.23 -14.88
N GLN A 272 -13.54 -11.76 -15.20
CA GLN A 272 -14.56 -11.68 -14.16
C GLN A 272 -14.91 -13.07 -13.54
N GLU A 273 -14.61 -14.16 -14.24
CA GLU A 273 -14.87 -15.48 -13.67
C GLU A 273 -13.94 -15.74 -12.54
N LEU A 274 -12.73 -15.21 -12.63
CA LEU A 274 -11.75 -15.47 -11.59
C LEU A 274 -12.07 -14.59 -10.41
N ILE A 275 -12.43 -13.35 -10.68
CA ILE A 275 -12.74 -12.40 -9.62
C ILE A 275 -13.98 -12.88 -8.76
N ASP A 276 -14.93 -13.51 -9.42
CA ASP A 276 -16.19 -13.94 -8.83
C ASP A 276 -15.97 -14.95 -7.77
N VAL A 277 -14.99 -15.82 -7.92
CA VAL A 277 -14.66 -16.86 -6.94
C VAL A 277 -13.37 -16.73 -6.09
N GLU A 278 -12.69 -15.60 -6.19
CA GLU A 278 -11.38 -15.36 -5.53
C GLU A 278 -11.45 -15.47 -4.02
N TRP A 279 -12.51 -14.96 -3.44
CA TRP A 279 -12.68 -14.96 -2.01
C TRP A 279 -12.98 -16.35 -1.47
N ASN A 280 -13.30 -17.30 -2.36
CA ASN A 280 -13.58 -18.67 -1.90
C ASN A 280 -12.41 -19.49 -1.46
N VAL A 281 -11.18 -18.99 -1.57
CA VAL A 281 -9.98 -19.86 -1.36
C VAL A 281 -9.24 -19.62 -0.09
N LEU A 282 -9.68 -18.63 0.65
CA LEU A 282 -9.11 -18.32 1.91
C LEU A 282 -9.30 -19.51 2.83
N PRO A 283 -8.30 -19.82 3.62
CA PRO A 283 -8.40 -21.01 4.36
C PRO A 283 -9.20 -20.87 5.66
N PHE A 284 -9.31 -19.66 6.16
CA PHE A 284 -9.98 -19.44 7.43
C PHE A 284 -11.07 -18.41 7.25
N ASP A 285 -11.96 -18.37 8.22
CA ASP A 285 -12.98 -17.36 8.27
C ASP A 285 -12.27 -16.22 9.02
N SER A 286 -12.09 -15.11 8.34
CA SER A 286 -11.10 -14.13 8.78
C SER A 286 -11.45 -12.79 8.23
N ILE A 287 -10.98 -11.74 8.87
CA ILE A 287 -10.93 -10.44 8.29
C ILE A 287 -9.44 -9.99 8.08
N PHE A 288 -9.26 -8.99 7.22
CA PHE A 288 -7.94 -8.46 6.87
C PHE A 288 -7.04 -9.58 6.28
N ARG A 289 -7.62 -10.38 5.40
CA ARG A 289 -6.94 -11.42 4.69
C ARG A 289 -7.45 -11.46 3.27
N PHE A 290 -6.47 -11.61 2.34
CA PHE A 290 -6.69 -11.50 0.93
C PHE A 290 -6.08 -12.70 0.28
N SER A 291 -6.67 -13.13 -0.79
CA SER A 291 -6.40 -14.45 -1.30
C SER A 291 -5.03 -14.64 -2.04
N PHE A 292 -4.77 -13.76 -2.99
CA PHE A 292 -3.59 -13.81 -3.86
C PHE A 292 -2.68 -12.64 -3.55
N VAL A 293 -1.66 -12.95 -2.78
CA VAL A 293 -0.68 -12.03 -2.30
C VAL A 293 0.76 -12.59 -2.57
N PRO A 294 1.80 -11.76 -2.31
CA PRO A 294 3.18 -12.17 -2.51
C PRO A 294 3.52 -13.46 -1.86
N VAL A 295 4.34 -14.28 -2.52
CA VAL A 295 4.80 -15.52 -1.95
C VAL A 295 6.31 -15.53 -1.59
N ILE A 296 6.66 -16.18 -0.49
CA ILE A 296 8.04 -16.26 -0.07
C ILE A 296 8.69 -17.39 -0.88
N ASP A 297 9.29 -17.02 -2.02
CA ASP A 297 9.63 -17.96 -3.08
C ASP A 297 11.07 -18.46 -3.14
N GLY A 298 11.95 -17.89 -2.33
CA GLY A 298 13.41 -18.06 -2.55
C GLY A 298 14.04 -17.23 -3.69
N GLU A 299 13.26 -16.49 -4.50
CA GLU A 299 13.81 -15.74 -5.68
C GLU A 299 13.67 -14.21 -5.43
N PHE A 300 12.45 -13.67 -5.53
CA PHE A 300 12.22 -12.32 -5.13
C PHE A 300 12.64 -12.13 -3.68
N PHE A 301 12.30 -13.12 -2.84
CA PHE A 301 12.67 -13.08 -1.46
C PHE A 301 13.54 -14.28 -1.21
N PRO A 302 14.82 -14.08 -0.87
CA PRO A 302 15.71 -15.25 -0.88
C PRO A 302 15.53 -16.20 0.30
N THR A 303 15.10 -15.65 1.43
CA THR A 303 14.76 -16.41 2.62
C THR A 303 13.54 -15.75 3.29
N SER A 304 13.14 -16.28 4.43
CA SER A 304 12.04 -15.75 5.18
C SER A 304 12.28 -14.28 5.48
N LEU A 305 11.20 -13.52 5.58
CA LEU A 305 11.31 -12.11 5.83
C LEU A 305 12.00 -11.82 7.15
N GLU A 306 11.71 -12.62 8.15
CA GLU A 306 12.29 -12.40 9.46
C GLU A 306 13.83 -12.66 9.51
N SER A 307 14.28 -13.72 8.83
CA SER A 307 15.72 -13.96 8.70
C SER A 307 16.37 -12.78 7.88
N MET A 308 15.74 -12.30 6.80
CA MET A 308 16.29 -11.16 6.10
C MET A 308 16.37 -9.98 7.02
N LEU A 309 15.35 -9.71 7.83
CA LEU A 309 15.36 -8.48 8.64
C LEU A 309 16.32 -8.52 9.82
N ASN A 310 16.46 -9.69 10.32
CA ASN A 310 17.36 -9.99 11.38
C ASN A 310 18.85 -9.94 10.99
N SER A 311 19.18 -10.45 9.80
CA SER A 311 20.56 -10.51 9.35
C SER A 311 20.99 -9.23 8.61
N GLY A 312 20.11 -8.24 8.41
CA GLY A 312 20.48 -7.03 7.71
C GLY A 312 20.52 -7.20 6.19
N ASN A 313 19.86 -8.24 5.71
CA ASN A 313 19.76 -8.48 4.31
C ASN A 313 18.64 -7.68 3.67
N PHE A 314 18.96 -6.42 3.47
CA PHE A 314 18.09 -5.47 2.83
C PHE A 314 18.84 -4.18 2.48
N LYS A 315 18.20 -3.34 1.70
CA LYS A 315 18.78 -2.03 1.37
C LYS A 315 18.87 -1.13 2.54
N LYS A 316 20.05 -0.51 2.66
CA LYS A 316 20.33 0.40 3.77
C LYS A 316 20.30 1.82 3.30
N THR A 317 19.36 2.60 3.80
CA THR A 317 19.07 3.92 3.30
C THR A 317 18.21 4.60 4.34
N GLN A 318 17.53 5.67 3.98
CA GLN A 318 16.66 6.36 4.90
C GLN A 318 15.22 5.90 4.61
N ILE A 319 14.43 5.81 5.69
CA ILE A 319 13.01 5.54 5.54
C ILE A 319 12.23 6.50 6.45
N LEU A 320 11.10 6.94 5.90
CA LEU A 320 10.08 7.67 6.62
C LEU A 320 8.83 6.80 6.55
N LEU A 321 8.12 6.73 7.67
CA LEU A 321 7.08 5.70 7.86
C LEU A 321 6.24 5.94 9.10
N GLY A 322 5.01 5.43 9.00
CA GLY A 322 4.08 5.53 10.08
C GLY A 322 2.73 4.88 9.88
N VAL A 323 1.89 5.13 10.90
CA VAL A 323 0.51 4.60 10.92
C VAL A 323 -0.60 5.63 11.23
N ASN A 324 -1.85 5.24 10.90
CA ASN A 324 -3.03 6.04 11.31
C ASN A 324 -3.58 5.50 12.65
N LYS A 325 -4.19 6.36 13.46
CA LYS A 325 -4.74 5.95 14.72
C LYS A 325 -5.74 4.73 14.67
N ASP A 326 -6.60 4.63 13.65
CA ASP A 326 -7.71 3.63 13.65
C ASP A 326 -7.68 2.80 12.43
N GLU A 327 -6.60 2.04 12.32
CA GLU A 327 -6.34 1.25 11.14
C GLU A 327 -7.36 0.11 10.92
N GLY A 328 -7.91 -0.47 12.01
CA GLY A 328 -8.76 -1.63 11.90
C GLY A 328 -10.19 -1.32 11.43
N SER A 329 -10.63 -0.06 11.44
CA SER A 329 -12.07 0.23 11.39
C SER A 329 -12.70 -0.26 10.12
N PHE A 330 -12.04 -0.02 8.99
CA PHE A 330 -12.55 -0.40 7.69
C PHE A 330 -12.88 -1.86 7.57
N PHE A 331 -12.06 -2.68 8.19
CA PHE A 331 -12.09 -4.11 7.99
C PHE A 331 -13.16 -4.72 8.88
N LEU A 332 -13.40 -4.12 10.05
CA LEU A 332 -14.50 -4.52 10.89
C LEU A 332 -15.85 -4.17 10.22
N LEU A 333 -15.95 -3.01 9.61
CA LEU A 333 -17.13 -2.59 8.90
C LEU A 333 -17.53 -3.54 7.85
N TYR A 334 -16.58 -3.94 7.02
CA TYR A 334 -16.86 -4.80 5.91
C TYR A 334 -16.98 -6.27 6.34
N GLY A 335 -16.27 -6.71 7.37
CA GLY A 335 -16.11 -8.12 7.59
C GLY A 335 -16.64 -8.70 8.88
N ALA A 336 -17.03 -7.88 9.83
CA ALA A 336 -17.26 -8.40 11.13
C ALA A 336 -18.68 -8.08 11.56
N PRO A 337 -19.36 -9.05 12.17
CA PRO A 337 -20.73 -8.89 12.66
C PRO A 337 -20.86 -7.83 13.73
N GLY A 338 -21.87 -6.97 13.57
CA GLY A 338 -22.22 -5.96 14.56
C GLY A 338 -21.78 -4.55 14.15
N PHE A 339 -20.96 -4.43 13.10
CA PHE A 339 -20.43 -3.13 12.69
C PHE A 339 -21.18 -2.84 11.45
N SER A 340 -21.75 -1.64 11.37
CA SER A 340 -22.32 -1.16 10.16
C SER A 340 -22.13 0.35 9.95
N LYS A 341 -22.35 0.77 8.74
CA LYS A 341 -21.99 2.11 8.40
C LYS A 341 -22.81 3.19 9.07
N ASP A 342 -24.09 2.92 9.31
CA ASP A 342 -24.98 3.97 9.85
C ASP A 342 -25.37 3.81 11.30
N SER A 343 -24.77 2.89 12.04
CA SER A 343 -24.91 2.96 13.52
C SER A 343 -23.57 3.16 14.13
N GLU A 344 -23.61 3.51 15.40
CA GLU A 344 -22.47 3.65 16.29
C GLU A 344 -21.77 2.33 16.49
N SER A 345 -22.42 1.26 16.08
CA SER A 345 -21.85 -0.07 16.20
C SER A 345 -21.28 -0.43 17.52
N LYS A 346 -22.08 -0.20 18.56
CA LYS A 346 -21.84 -0.82 19.85
C LYS A 346 -21.93 -2.36 19.75
N ILE A 347 -21.00 -3.04 20.40
CA ILE A 347 -20.77 -4.42 20.16
C ILE A 347 -21.04 -5.19 21.48
N SER A 348 -21.81 -6.26 21.39
CA SER A 348 -22.10 -7.14 22.49
C SER A 348 -20.85 -7.92 22.82
N ARG A 349 -20.70 -8.37 24.06
CA ARG A 349 -19.73 -9.42 24.39
C ARG A 349 -19.62 -10.48 23.30
N GLU A 350 -20.72 -10.86 22.67
CA GLU A 350 -20.71 -11.99 21.78
C GLU A 350 -20.28 -11.60 20.37
N ASP A 351 -20.63 -10.41 19.92
CA ASP A 351 -20.01 -9.94 18.68
C ASP A 351 -18.46 -9.67 18.92
N PHE A 352 -18.05 -9.34 20.13
CA PHE A 352 -16.63 -9.16 20.46
C PHE A 352 -15.87 -10.43 20.28
N MET A 353 -16.28 -11.46 21.00
CA MET A 353 -15.65 -12.75 20.90
C MET A 353 -15.63 -13.34 19.51
N SER A 354 -16.67 -13.10 18.75
CA SER A 354 -16.69 -13.53 17.40
C SER A 354 -15.63 -12.74 16.58
N GLY A 355 -15.60 -11.43 16.82
CA GLY A 355 -14.68 -10.49 16.19
C GLY A 355 -13.24 -10.91 16.44
N VAL A 356 -12.93 -11.22 17.67
CA VAL A 356 -11.63 -11.71 18.08
C VAL A 356 -11.21 -12.86 17.28
N LYS A 357 -12.13 -13.81 17.08
CA LYS A 357 -11.83 -15.03 16.33
C LYS A 357 -11.62 -14.83 14.80
N LEU A 358 -12.43 -13.97 14.18
CA LEU A 358 -12.15 -13.44 12.84
C LEU A 358 -10.79 -12.67 12.72
N SER A 359 -10.33 -12.04 13.79
CA SER A 359 -9.19 -11.11 13.74
C SER A 359 -7.85 -11.84 13.81
N VAL A 360 -7.83 -12.97 14.49
CA VAL A 360 -6.66 -13.77 14.69
C VAL A 360 -6.96 -15.20 14.25
N PRO A 361 -7.00 -15.42 12.95
CA PRO A 361 -7.57 -16.68 12.47
C PRO A 361 -6.72 -17.92 12.67
N HIS A 362 -5.42 -17.72 12.79
CA HIS A 362 -4.47 -18.82 13.00
C HIS A 362 -4.41 -19.31 14.47
N ALA A 363 -5.44 -19.05 15.29
CA ALA A 363 -5.21 -19.04 16.73
C ALA A 363 -6.00 -20.08 17.50
N ASN A 364 -5.31 -20.89 18.28
CA ASN A 364 -5.97 -21.78 19.21
C ASN A 364 -6.70 -21.00 20.34
N ASP A 365 -7.47 -21.70 21.13
CA ASP A 365 -8.35 -21.07 22.08
C ASP A 365 -7.62 -20.32 23.14
N LEU A 366 -6.48 -20.85 23.53
CA LEU A 366 -5.65 -20.19 24.51
C LEU A 366 -5.16 -18.83 23.95
N GLY A 367 -4.85 -18.81 22.68
CA GLY A 367 -4.45 -17.57 22.02
C GLY A 367 -5.57 -16.55 21.96
N LEU A 368 -6.78 -17.03 21.65
CA LEU A 368 -7.96 -16.16 21.64
C LEU A 368 -8.22 -15.61 23.02
N ASP A 369 -8.02 -16.43 24.06
CA ASP A 369 -8.17 -15.93 25.45
C ASP A 369 -7.11 -14.81 25.80
N ALA A 370 -5.87 -15.04 25.35
CA ALA A 370 -4.74 -14.12 25.60
C ALA A 370 -5.04 -12.80 24.96
N VAL A 371 -5.57 -12.82 23.75
CA VAL A 371 -5.96 -11.57 23.05
C VAL A 371 -7.11 -10.82 23.79
N THR A 372 -8.10 -11.59 24.16
CA THR A 372 -9.31 -11.06 24.77
C THR A 372 -8.94 -10.42 26.07
N LEU A 373 -8.12 -11.12 26.83
CA LEU A 373 -7.61 -10.58 28.08
C LEU A 373 -6.84 -9.30 27.89
N GLN A 374 -6.02 -9.25 26.85
CA GLN A 374 -5.18 -8.07 26.63
C GLN A 374 -5.99 -6.83 26.36
N TYR A 375 -7.12 -6.98 25.69
CA TYR A 375 -7.91 -5.84 25.29
C TYR A 375 -9.23 -5.62 26.08
N THR A 376 -9.42 -6.28 27.21
CA THR A 376 -10.75 -6.18 27.85
C THR A 376 -10.59 -5.44 29.12
N ASP A 377 -11.41 -4.41 29.32
CA ASP A 377 -11.46 -3.76 30.63
C ASP A 377 -12.44 -4.54 31.53
N TRP A 378 -11.92 -5.39 32.43
CA TRP A 378 -12.81 -6.27 33.25
C TRP A 378 -13.57 -5.56 34.35
N MET A 379 -13.42 -4.26 34.48
CA MET A 379 -14.26 -3.48 35.37
C MET A 379 -15.47 -3.01 34.61
N ASP A 380 -15.45 -3.23 33.31
CA ASP A 380 -16.42 -2.66 32.39
C ASP A 380 -16.22 -3.46 31.14
N ASP A 381 -16.88 -4.62 31.13
CA ASP A 381 -16.64 -5.63 30.13
C ASP A 381 -17.84 -5.62 29.22
N ASN A 382 -18.89 -4.96 29.67
CA ASN A 382 -20.04 -4.86 28.77
C ASN A 382 -20.27 -3.52 28.17
N ASN A 383 -19.34 -2.61 28.34
CA ASN A 383 -19.40 -1.39 27.57
C ASN A 383 -19.26 -1.69 26.07
N GLY A 384 -20.27 -1.31 25.31
CA GLY A 384 -20.31 -1.51 23.92
C GLY A 384 -19.39 -0.62 23.09
N ILE A 385 -19.13 0.57 23.59
CA ILE A 385 -18.16 1.47 23.01
C ILE A 385 -16.78 0.80 23.21
N LYS A 386 -16.52 0.27 24.39
CA LYS A 386 -15.21 -0.26 24.64
C LYS A 386 -14.95 -1.52 23.86
N ASN A 387 -15.98 -2.34 23.62
CA ASN A 387 -15.78 -3.55 22.94
C ASN A 387 -15.54 -3.20 21.47
N ARG A 388 -16.28 -2.23 20.96
CA ARG A 388 -16.06 -1.76 19.60
C ARG A 388 -14.63 -1.20 19.40
N ASP A 389 -14.26 -0.20 20.20
CA ASP A 389 -12.94 0.37 20.16
C ASP A 389 -11.81 -0.67 20.41
N GLY A 390 -12.11 -1.64 21.28
CA GLY A 390 -11.23 -2.71 21.63
C GLY A 390 -10.93 -3.57 20.41
N LEU A 391 -11.96 -3.84 19.61
CA LEU A 391 -11.77 -4.67 18.44
C LEU A 391 -11.06 -3.85 17.32
N ASP A 392 -11.45 -2.62 17.15
CA ASP A 392 -10.76 -1.70 16.24
C ASP A 392 -9.20 -1.76 16.55
N ASP A 393 -8.85 -1.70 17.81
CA ASP A 393 -7.44 -1.75 18.19
C ASP A 393 -6.79 -3.08 17.91
N ILE A 394 -7.52 -4.17 18.14
CA ILE A 394 -6.96 -5.47 17.93
C ILE A 394 -6.60 -5.62 16.44
N VAL A 395 -7.49 -5.21 15.57
CA VAL A 395 -7.34 -5.43 14.17
C VAL A 395 -6.16 -4.57 13.58
N GLY A 396 -6.17 -3.30 13.97
CA GLY A 396 -5.15 -2.28 13.70
C GLY A 396 -3.78 -2.76 14.17
N ASP A 397 -3.68 -3.19 15.43
CA ASP A 397 -2.46 -3.53 16.03
C ASP A 397 -1.86 -4.80 15.43
N HIS A 398 -2.68 -5.80 15.20
CA HIS A 398 -2.18 -7.06 14.78
C HIS A 398 -1.73 -7.00 13.32
N ASN A 399 -2.50 -6.29 12.50
CA ASN A 399 -2.28 -6.24 11.11
C ASN A 399 -1.39 -5.08 10.54
N VAL A 400 -1.31 -3.98 11.23
CA VAL A 400 -0.70 -2.78 10.67
C VAL A 400 0.33 -2.20 11.64
N ILE A 401 -0.11 -1.81 12.82
CA ILE A 401 0.77 -1.10 13.71
C ILE A 401 1.91 -1.91 14.25
N CYS A 402 1.68 -3.13 14.78
CA CYS A 402 2.77 -3.88 15.37
C CYS A 402 3.70 -4.54 14.34
N PRO A 403 3.18 -5.03 13.22
CA PRO A 403 4.17 -5.44 12.22
C PRO A 403 5.04 -4.22 11.82
N LEU A 404 4.46 -3.06 11.66
CA LEU A 404 5.24 -1.95 11.22
C LEU A 404 6.28 -1.59 12.28
N MET A 405 5.88 -1.58 13.55
CA MET A 405 6.76 -1.28 14.62
C MET A 405 7.90 -2.31 14.69
N HIS A 406 7.62 -3.54 14.31
CA HIS A 406 8.66 -4.59 14.31
C HIS A 406 9.60 -4.39 13.12
N PHE A 407 9.03 -4.08 11.97
CA PHE A 407 9.85 -3.67 10.83
C PHE A 407 10.77 -2.50 11.21
N VAL A 408 10.27 -1.52 11.91
CA VAL A 408 11.01 -0.30 12.13
C VAL A 408 12.19 -0.53 13.02
N ASN A 409 12.01 -1.38 14.02
CA ASN A 409 13.00 -1.61 15.01
C ASN A 409 14.11 -2.47 14.40
N LYS A 410 13.75 -3.40 13.54
CA LYS A 410 14.74 -4.26 12.91
C LYS A 410 15.52 -3.48 11.81
N TYR A 411 14.83 -2.64 11.06
CA TYR A 411 15.44 -1.93 10.00
C TYR A 411 16.48 -0.95 10.59
N THR A 412 16.11 -0.26 11.65
CA THR A 412 16.86 0.84 12.21
C THR A 412 18.23 0.45 12.83
N LYS A 413 18.43 -0.79 13.19
CA LYS A 413 19.73 -1.30 13.58
C LYS A 413 20.76 -1.30 12.44
N PHE A 414 20.36 -1.38 11.16
CA PHE A 414 21.29 -1.44 10.01
C PHE A 414 21.15 -0.28 9.06
N GLY A 415 20.10 0.53 9.21
CA GLY A 415 19.71 1.51 8.20
C GLY A 415 20.41 2.82 8.46
N ASN A 416 20.17 3.78 7.61
CA ASN A 416 20.86 5.07 7.64
C ASN A 416 20.01 6.24 8.04
N GLY A 417 18.87 6.00 8.69
CA GLY A 417 18.05 7.10 9.19
C GLY A 417 16.56 6.80 9.09
N THR A 418 15.88 6.88 10.23
CA THR A 418 14.47 6.49 10.25
C THR A 418 13.69 7.60 10.78
N TYR A 419 12.56 7.93 10.12
CA TYR A 419 11.65 8.92 10.67
C TYR A 419 10.22 8.30 10.82
N LEU A 420 9.67 8.34 12.05
CA LEU A 420 8.41 7.66 12.40
C LEU A 420 7.31 8.62 12.79
N TYR A 421 6.12 8.41 12.20
CA TYR A 421 4.91 9.20 12.55
C TYR A 421 3.65 8.38 12.96
N PHE A 422 2.73 9.09 13.61
CA PHE A 422 1.42 8.59 14.02
C PHE A 422 0.46 9.68 13.63
N PHE A 423 -0.31 9.39 12.62
CA PHE A 423 -1.23 10.33 12.08
C PHE A 423 -2.58 10.09 12.79
N ASN A 424 -3.09 11.12 13.43
CA ASN A 424 -4.34 10.97 14.16
C ASN A 424 -5.24 12.18 14.04
N HIS A 425 -5.27 12.81 12.87
CA HIS A 425 -6.21 13.86 12.60
C HIS A 425 -7.30 13.21 11.80
N ARG A 426 -8.54 13.35 12.25
CA ARG A 426 -9.70 12.91 11.48
C ARG A 426 -10.16 14.03 10.56
N ALA A 427 -10.16 13.78 9.26
CA ALA A 427 -10.58 14.84 8.37
C ALA A 427 -12.00 15.30 8.72
N SER A 428 -12.18 16.60 8.68
CA SER A 428 -13.39 17.32 9.13
C SER A 428 -14.56 16.97 8.22
N ASN A 429 -14.28 16.64 6.96
CA ASN A 429 -15.29 16.32 5.98
C ASN A 429 -15.47 14.81 5.72
N LEU A 430 -14.96 13.98 6.61
CA LEU A 430 -15.01 12.52 6.35
C LEU A 430 -16.46 12.01 6.29
N VAL A 431 -16.81 11.27 5.27
CA VAL A 431 -18.17 10.86 5.09
C VAL A 431 -18.46 9.54 5.80
N TRP A 432 -17.43 8.85 6.29
CA TRP A 432 -17.61 7.59 7.01
C TRP A 432 -18.02 7.95 8.41
N PRO A 433 -18.63 7.01 9.15
CA PRO A 433 -19.09 7.46 10.47
C PRO A 433 -17.96 7.66 11.45
N GLU A 434 -18.31 8.32 12.55
CA GLU A 434 -17.37 8.72 13.57
C GLU A 434 -16.73 7.57 14.26
N TRP A 435 -17.44 6.46 14.41
CA TRP A 435 -16.89 5.40 15.21
C TRP A 435 -15.58 4.88 14.51
N MET A 436 -15.47 5.04 13.19
CA MET A 436 -14.30 4.52 12.44
C MET A 436 -13.01 5.35 12.72
N GLY A 437 -13.20 6.57 13.24
CA GLY A 437 -12.10 7.46 13.73
C GLY A 437 -11.17 7.89 12.58
N VAL A 438 -9.86 7.73 12.78
CA VAL A 438 -8.87 8.09 11.79
C VAL A 438 -8.60 6.83 10.94
N ILE A 439 -9.32 6.75 9.84
CA ILE A 439 -9.48 5.51 9.12
C ILE A 439 -8.23 5.22 8.22
N HIS A 440 -7.91 3.95 8.07
CA HIS A 440 -6.91 3.47 7.14
C HIS A 440 -7.14 4.14 5.77
N GLY A 441 -6.15 4.87 5.29
CA GLY A 441 -6.16 5.46 3.93
C GLY A 441 -6.49 6.93 3.89
N TYR A 442 -6.94 7.49 4.98
CA TYR A 442 -7.38 8.88 5.01
C TYR A 442 -6.22 9.87 5.44
N GLU A 443 -4.96 9.39 5.53
CA GLU A 443 -3.82 10.33 5.45
C GLU A 443 -3.47 10.65 3.96
N ILE A 444 -3.89 9.79 3.06
CA ILE A 444 -3.46 9.89 1.70
C ILE A 444 -3.79 11.27 1.12
N GLU A 445 -5.04 11.71 1.28
CA GLU A 445 -5.49 13.00 0.75
C GLU A 445 -4.60 14.22 1.21
N PHE A 446 -4.08 14.15 2.42
CA PHE A 446 -3.15 15.12 2.97
C PHE A 446 -1.79 15.02 2.32
N VAL A 447 -1.34 13.80 2.03
CA VAL A 447 -0.12 13.59 1.32
C VAL A 447 -0.22 14.08 -0.11
N PHE A 448 -1.34 13.82 -0.80
CA PHE A 448 -1.46 14.31 -2.19
C PHE A 448 -1.96 15.74 -2.32
N GLY A 449 -2.15 16.42 -1.21
CA GLY A 449 -2.49 17.85 -1.24
C GLY A 449 -3.93 18.25 -1.47
N LEU A 450 -4.88 17.32 -1.39
CA LEU A 450 -6.30 17.66 -1.73
C LEU A 450 -6.91 18.73 -0.83
N PRO A 451 -6.42 18.91 0.38
CA PRO A 451 -6.96 20.01 1.12
C PRO A 451 -6.66 21.41 0.59
N LEU A 452 -5.82 21.51 -0.42
CA LEU A 452 -5.48 22.81 -0.94
C LEU A 452 -6.58 23.34 -1.86
N VAL A 453 -7.41 22.43 -2.36
CA VAL A 453 -8.54 22.71 -3.28
C VAL A 453 -9.78 23.14 -2.44
N LYS A 454 -10.16 24.43 -2.53
CA LYS A 454 -11.31 25.02 -1.75
C LYS A 454 -12.59 24.18 -1.84
N GLU A 455 -12.94 23.77 -3.06
CA GLU A 455 -14.12 23.00 -3.36
C GLU A 455 -14.33 21.70 -2.55
N LEU A 456 -13.27 21.14 -2.00
CA LEU A 456 -13.35 19.87 -1.33
C LEU A 456 -13.63 20.03 0.17
N ASN A 457 -13.72 21.26 0.65
CA ASN A 457 -14.35 21.49 1.94
C ASN A 457 -13.50 21.12 3.15
N TYR A 458 -12.18 21.08 3.02
CA TYR A 458 -11.33 20.93 4.20
C TYR A 458 -11.26 22.27 4.91
N THR A 459 -10.85 22.30 6.16
CA THR A 459 -10.64 23.55 6.85
C THR A 459 -9.29 24.23 6.52
N ALA A 460 -9.14 25.51 6.80
CA ALA A 460 -7.81 26.17 6.75
C ALA A 460 -6.70 25.40 7.43
N GLU A 461 -6.96 24.85 8.60
CA GLU A 461 -5.93 24.18 9.42
C GLU A 461 -5.52 22.84 8.75
N GLU A 462 -6.45 22.29 8.01
CA GLU A 462 -6.22 21.08 7.30
C GLU A 462 -5.37 21.35 6.03
N GLU A 463 -5.61 22.48 5.38
CA GLU A 463 -4.73 22.94 4.34
C GLU A 463 -3.35 23.12 4.95
N ALA A 464 -3.22 23.79 6.08
CA ALA A 464 -1.89 23.88 6.66
C ALA A 464 -1.22 22.49 6.94
N LEU A 465 -2.01 21.51 7.36
CA LEU A 465 -1.44 20.22 7.74
C LEU A 465 -0.97 19.53 6.47
N SER A 466 -1.77 19.64 5.43
CA SER A 466 -1.41 19.02 4.21
C SER A 466 -0.10 19.63 3.64
N ARG A 467 0.05 20.94 3.71
CA ARG A 467 1.22 21.61 3.12
C ARG A 467 2.45 21.16 3.85
N ARG A 468 2.29 21.09 5.14
CA ARG A 468 3.36 20.63 5.97
C ARG A 468 3.69 19.14 5.81
N ILE A 469 2.69 18.31 5.49
CA ILE A 469 3.00 16.94 5.22
C ILE A 469 3.63 16.82 3.84
N MET A 470 3.06 17.47 2.84
CA MET A 470 3.74 17.45 1.53
C MET A 470 5.24 17.85 1.60
N HIS A 471 5.54 18.83 2.40
CA HIS A 471 6.86 19.34 2.48
C HIS A 471 7.77 18.38 3.22
N TYR A 472 7.32 17.78 4.32
CA TYR A 472 8.03 16.70 4.96
C TYR A 472 8.30 15.59 3.97
N TRP A 473 7.28 15.14 3.23
CA TRP A 473 7.50 14.00 2.35
C TRP A 473 8.52 14.42 1.23
N ALA A 474 8.32 15.54 0.58
CA ALA A 474 9.17 15.97 -0.53
C ALA A 474 10.62 16.35 -0.11
N THR A 475 10.78 17.01 1.01
CA THR A 475 12.08 17.30 1.57
C THR A 475 12.79 16.03 1.94
N PHE A 476 12.07 15.07 2.51
CA PHE A 476 12.68 13.78 2.80
C PHE A 476 13.10 13.07 1.53
N ALA A 477 12.26 13.11 0.52
CA ALA A 477 12.63 12.45 -0.71
C ALA A 477 13.93 13.04 -1.31
N LYS A 478 14.07 14.36 -1.12
CA LYS A 478 15.16 15.15 -1.66
C LYS A 478 16.49 14.91 -0.89
N THR A 479 16.43 14.92 0.43
CA THR A 479 17.59 14.95 1.27
C THR A 479 17.80 13.77 2.17
N GLY A 480 16.81 12.90 2.33
CA GLY A 480 16.95 11.89 3.35
C GLY A 480 16.49 12.39 4.68
N ASN A 481 15.93 13.59 4.73
CA ASN A 481 15.55 14.17 6.02
C ASN A 481 14.34 15.09 5.83
N PRO A 482 13.24 14.87 6.58
CA PRO A 482 12.02 15.68 6.26
C PRO A 482 12.10 17.12 6.73
N ASN A 483 13.03 17.39 7.67
CA ASN A 483 13.27 18.76 8.16
C ASN A 483 14.15 19.64 7.25
N GLU A 484 13.80 20.91 7.15
CA GLU A 484 14.69 21.93 6.56
C GLU A 484 15.87 22.18 7.49
N PRO A 485 17.10 22.09 6.96
CA PRO A 485 18.34 22.23 7.73
C PRO A 485 18.30 23.35 8.80
N HIS A 486 17.98 24.58 8.40
CA HIS A 486 17.97 25.69 9.35
C HIS A 486 16.61 26.44 9.37
N SER A 487 15.50 25.71 9.39
CA SER A 487 14.16 26.27 9.64
C SER A 487 14.09 26.75 11.09
N GLN A 488 13.17 27.68 11.36
CA GLN A 488 12.71 28.00 12.74
C GLN A 488 11.62 27.04 13.28
N GLU A 489 11.09 26.16 12.41
CA GLU A 489 9.96 25.26 12.74
C GLU A 489 10.42 24.12 13.65
N SER A 490 9.52 23.47 14.36
CA SER A 490 10.00 22.39 15.27
C SER A 490 10.40 21.15 14.46
N LYS A 491 11.31 20.36 15.03
CA LYS A 491 12.07 19.37 14.32
C LYS A 491 11.58 17.94 14.61
N TRP A 492 11.39 17.16 13.54
CA TRP A 492 10.97 15.81 13.62
C TRP A 492 12.20 15.03 13.91
N PRO A 493 12.30 14.45 15.09
CA PRO A 493 13.54 13.81 15.35
C PRO A 493 13.64 12.48 14.73
N LEU A 494 14.85 11.98 14.79
CA LEU A 494 15.21 10.75 14.21
C LEU A 494 14.75 9.69 15.20
N PHE A 495 14.21 8.58 14.67
CA PHE A 495 13.89 7.42 15.44
C PHE A 495 15.18 6.67 15.62
N THR A 496 15.62 6.45 16.83
CA THR A 496 16.80 5.63 17.05
C THR A 496 16.48 4.43 17.87
N THR A 497 17.38 3.48 17.85
CA THR A 497 17.19 2.24 18.55
C THR A 497 16.93 2.45 20.03
N LYS A 498 17.62 3.40 20.64
CA LYS A 498 17.59 3.52 22.08
C LYS A 498 16.38 4.33 22.48
N GLU A 499 16.12 5.42 21.78
CA GLU A 499 15.11 6.36 22.20
C GLU A 499 13.75 6.20 21.51
N GLN A 500 13.73 5.69 20.30
CA GLN A 500 12.45 5.26 19.70
C GLN A 500 11.41 6.36 19.50
N LYS A 501 11.90 7.56 19.22
CA LYS A 501 11.05 8.72 19.06
C LYS A 501 10.21 8.75 17.83
N PHE A 502 9.09 9.47 17.93
CA PHE A 502 8.19 9.58 16.78
C PHE A 502 7.38 10.83 16.99
N ILE A 503 6.71 11.30 15.98
CA ILE A 503 5.85 12.43 16.18
C ILE A 503 4.42 12.08 15.80
N ASP A 504 3.50 12.89 16.34
CA ASP A 504 2.13 12.93 15.90
C ASP A 504 2.06 13.82 14.69
N LEU A 505 1.29 13.44 13.69
CA LEU A 505 0.88 14.30 12.57
C LEU A 505 -0.60 14.71 12.73
N ASN A 506 -0.85 15.95 13.10
CA ASN A 506 -2.19 16.48 13.28
C ASN A 506 -2.17 18.02 13.28
N THR A 507 -3.25 18.68 13.63
CA THR A 507 -3.34 20.11 13.43
C THR A 507 -2.76 20.87 14.60
N GLU A 508 -2.33 20.16 15.64
CA GLU A 508 -1.78 20.76 16.85
C GLU A 508 -0.30 20.91 16.67
N PRO A 509 0.34 21.82 17.44
CA PRO A 509 1.79 21.93 17.36
C PRO A 509 2.49 20.60 17.72
N MET A 510 3.45 20.22 16.88
CA MET A 510 4.20 18.96 16.94
C MET A 510 4.51 18.53 18.36
N LYS A 511 4.23 17.26 18.66
CA LYS A 511 4.66 16.61 19.89
C LYS A 511 5.44 15.35 19.51
N VAL A 512 6.44 15.09 20.34
CA VAL A 512 7.33 13.98 20.23
C VAL A 512 6.99 13.01 21.36
N HIS A 513 6.90 11.72 21.04
CA HIS A 513 6.72 10.70 22.02
C HIS A 513 7.70 9.60 21.74
N GLN A 514 7.63 8.55 22.57
CA GLN A 514 8.51 7.42 22.40
C GLN A 514 7.79 6.09 22.49
N ARG A 515 8.31 5.07 21.84
CA ARG A 515 7.81 3.74 21.99
C ARG A 515 6.30 3.60 21.63
N LEU A 516 5.97 3.90 20.37
CA LEU A 516 4.63 3.77 19.74
C LEU A 516 4.00 2.39 20.02
N ARG A 517 2.91 2.41 20.78
CA ARG A 517 2.13 1.18 21.16
C ARG A 517 2.93 0.05 21.63
N VAL A 518 3.96 0.38 22.40
CA VAL A 518 4.90 -0.67 22.75
C VAL A 518 4.21 -1.76 23.63
N GLN A 519 3.27 -1.35 24.48
CA GLN A 519 2.71 -2.32 25.45
C GLN A 519 2.02 -3.45 24.67
N MET A 520 1.24 -3.05 23.65
CA MET A 520 0.49 -3.98 22.79
C MET A 520 1.38 -4.66 21.75
N CYS A 521 2.38 -3.98 21.21
CA CYS A 521 3.25 -4.64 20.23
C CYS A 521 4.18 -5.66 20.87
N VAL A 522 4.52 -5.50 22.14
CA VAL A 522 5.22 -6.64 22.76
C VAL A 522 4.29 -7.86 22.83
N PHE A 523 3.01 -7.61 23.06
CA PHE A 523 2.07 -8.74 23.11
C PHE A 523 2.07 -9.41 21.77
N TRP A 524 1.90 -8.60 20.75
CA TRP A 524 1.73 -9.17 19.43
C TRP A 524 3.03 -9.67 18.81
N ASN A 525 4.14 -9.01 19.10
CA ASN A 525 5.42 -9.38 18.46
C ASN A 525 6.22 -10.37 19.25
N GLN A 526 6.03 -10.44 20.56
CA GLN A 526 6.82 -11.37 21.33
C GLN A 526 6.01 -12.44 22.03
N PHE A 527 4.97 -12.06 22.82
CA PHE A 527 4.35 -13.04 23.74
C PHE A 527 3.45 -13.95 22.92
N LEU A 528 2.56 -13.40 22.12
CA LEU A 528 1.61 -14.24 21.44
C LEU A 528 2.23 -15.29 20.46
N PRO A 529 3.16 -14.88 19.57
CA PRO A 529 3.84 -15.93 18.79
C PRO A 529 4.54 -17.00 19.64
N LYS A 530 5.14 -16.64 20.77
CA LYS A 530 5.69 -17.65 21.66
C LYS A 530 4.58 -18.64 22.16
N LEU A 531 3.43 -18.08 22.47
CA LEU A 531 2.33 -18.85 22.98
C LEU A 531 1.78 -19.79 21.91
N LEU A 532 1.59 -19.30 20.70
CA LEU A 532 1.14 -20.18 19.60
C LEU A 532 2.22 -21.20 19.17
N ASN A 533 3.50 -20.90 19.28
CA ASN A 533 4.54 -21.96 19.05
C ASN A 533 4.53 -23.10 20.09
N ALA A 534 4.24 -22.80 21.34
CA ALA A 534 4.42 -23.81 22.37
C ALA A 534 3.22 -24.72 22.42
N THR A 535 2.10 -24.24 21.87
CA THR A 535 0.83 -24.98 21.77
C THR A 535 0.52 -25.18 20.27
C1 NAG B . -4.94 12.28 -28.00
C2 NAG B . -5.43 13.14 -29.17
C3 NAG B . -6.47 14.22 -28.79
C4 NAG B . -7.64 13.58 -28.07
C5 NAG B . -7.05 12.75 -26.92
C6 NAG B . -8.14 12.02 -26.13
C7 NAG B . -3.70 13.07 -30.86
C8 NAG B . -2.58 13.80 -31.56
N2 NAG B . -4.32 13.73 -29.88
O3 NAG B . -6.97 14.96 -29.89
O4 NAG B . -8.53 14.63 -27.68
O5 NAG B . -6.09 11.79 -27.37
O6 NAG B . -8.17 10.64 -26.52
O7 NAG B . -4.01 11.92 -31.20
C1 FUC B . -9.41 9.99 -26.17
C2 FUC B . -10.52 10.35 -27.18
C3 FUC B . -9.99 9.98 -28.58
C4 FUC B . -9.61 8.48 -28.62
C5 FUC B . -8.80 8.03 -27.38
C6 FUC B . -8.75 6.50 -27.28
O2 FUC B . -10.92 11.72 -27.11
O3 FUC B . -10.87 10.40 -29.62
O4 FUC B . -10.75 7.66 -28.80
O5 FUC B . -9.28 8.58 -26.16
C1 NAG C . 24.50 7.68 7.22
C2 NAG C . 24.67 7.92 8.73
C3 NAG C . 25.76 8.95 9.00
C4 NAG C . 27.03 8.61 8.22
C5 NAG C . 26.72 8.34 6.75
C6 NAG C . 27.98 7.92 6.00
C7 NAG C . 22.78 7.65 10.21
C8 NAG C . 21.59 8.31 10.85
N2 NAG C . 23.42 8.37 9.30
O3 NAG C . 26.05 8.98 10.40
O4 NAG C . 27.95 9.70 8.31
O5 NAG C . 25.75 7.30 6.66
O6 NAG C . 28.07 6.50 5.97
O7 NAG C . 23.14 6.52 10.52
C1 NAG C . 29.22 9.19 8.78
C2 NAG C . 30.35 10.01 8.18
C3 NAG C . 31.71 9.52 8.67
C4 NAG C . 31.72 9.37 10.19
C5 NAG C . 30.51 8.59 10.67
C6 NAG C . 30.48 8.52 12.20
C7 NAG C . 29.91 11.00 6.00
C8 NAG C . 30.25 10.94 4.55
N2 NAG C . 30.29 9.95 6.73
O3 NAG C . 32.73 10.44 8.27
O4 NAG C . 32.92 8.69 10.58
O5 NAG C . 29.32 9.24 10.21
O6 NAG C . 30.30 7.15 12.60
O7 NAG C . 29.31 11.94 6.49
C1 BMA C . 33.82 9.66 11.18
C2 BMA C . 34.56 9.02 12.33
C3 BMA C . 35.54 10.00 12.98
C4 BMA C . 36.41 10.66 11.91
C5 BMA C . 35.56 11.20 10.77
C6 BMA C . 36.43 11.81 9.69
O2 BMA C . 35.28 7.86 11.88
O3 BMA C . 36.36 9.30 13.91
O4 BMA C . 37.14 11.74 12.51
O5 BMA C . 34.76 10.15 10.23
O6 BMA C . 35.71 11.80 8.44
C1 MAN C . 36.36 10.03 15.16
C2 MAN C . 37.50 9.50 16.05
C3 MAN C . 37.21 8.01 16.37
C4 MAN C . 35.75 7.73 16.79
C5 MAN C . 34.72 8.53 15.96
C6 MAN C . 33.30 8.40 16.53
O2 MAN C . 37.69 10.38 17.18
O3 MAN C . 38.10 7.45 17.32
O4 MAN C . 35.47 6.35 16.71
O5 MAN C . 35.13 9.90 15.85
O6 MAN C . 32.41 7.93 15.53
C1 NAG D . -19.05 20.83 0.15
C2 NAG D . -19.37 19.60 -0.69
C3 NAG D . -20.69 19.74 -1.41
C4 NAG D . -21.83 20.22 -0.49
C5 NAG D . -21.41 21.36 0.46
C6 NAG D . -22.48 21.75 1.53
C7 NAG D . -17.79 18.23 -1.92
C8 NAG D . -16.77 18.05 -3.02
N2 NAG D . -18.39 19.41 -1.73
O3 NAG D . -21.02 18.50 -2.01
O4 NAG D . -22.90 20.64 -1.33
O5 NAG D . -20.14 21.12 1.03
O6 NAG D . -22.75 20.80 2.56
O7 NAG D . -18.05 17.27 -1.21
C1 NAG D . -24.04 19.74 -1.35
C2 NAG D . -25.28 20.52 -1.82
C3 NAG D . -26.51 19.62 -1.62
C4 NAG D . -26.33 18.35 -2.45
C5 NAG D . -24.94 17.70 -2.27
C6 NAG D . -24.64 16.82 -3.47
C7 NAG D . -24.99 22.98 -1.55
C8 NAG D . -25.09 24.13 -0.59
N2 NAG D . -25.33 21.77 -1.06
O3 NAG D . -27.68 20.22 -2.11
O4 NAG D . -27.39 17.43 -2.18
O5 NAG D . -23.86 18.60 -2.16
O6 NAG D . -24.32 15.57 -2.94
O7 NAG D . -24.62 23.16 -2.71
C1 BMA D . -28.31 17.31 -3.30
C2 BMA D . -29.06 15.99 -3.13
C3 BMA D . -30.14 15.84 -4.20
C4 BMA D . -31.04 17.07 -4.37
C5 BMA D . -30.15 18.31 -4.60
C6 BMA D . -30.93 19.63 -4.85
O2 BMA D . -29.62 15.90 -1.81
O3 BMA D . -30.94 14.69 -3.90
O4 BMA D . -31.99 16.80 -5.44
O5 BMA D . -29.25 18.41 -3.46
O6 BMA D . -31.58 20.18 -3.68
C1 MAN D . -30.68 13.61 -4.83
C2 MAN D . -31.93 12.73 -4.95
C3 MAN D . -32.31 12.03 -3.65
C4 MAN D . -31.04 11.35 -3.06
C5 MAN D . -29.73 12.18 -3.15
C6 MAN D . -28.56 11.20 -2.84
O2 MAN D . -31.64 11.68 -5.85
O3 MAN D . -33.29 11.07 -4.03
O4 MAN D . -31.17 10.97 -1.71
O5 MAN D . -29.56 12.83 -4.41
O6 MAN D . -27.31 11.49 -3.42
OAC DZ0 E . -12.08 -6.19 4.62
CAU DZ0 E . -12.56 -5.93 3.54
CAZ DZ0 E . -13.17 -6.78 2.74
CAK DZ0 E . -13.39 -8.05 2.94
CAY DZ0 E . -14.04 -8.79 1.98
CAX DZ0 E . -14.44 -8.13 0.85
OAR DZ0 E . -15.10 -8.79 -0.14
CAA DZ0 E . -15.35 -10.21 -0.09
CAJ DZ0 E . -14.18 -6.80 0.73
CAW DZ0 E . -13.54 -6.14 1.67
CAP DZ0 E . -13.16 -4.86 1.81
CAT DZ0 E . -12.56 -4.75 2.97
CAD DZ0 E . -12.05 -3.65 3.49
CBA DZ0 E . -11.97 -2.25 2.92
CAM DZ0 E . -10.56 -1.85 3.19
CAO DZ0 E . -10.33 -0.45 2.78
CAL DZ0 E . -12.28 -2.08 1.48
CAN DZ0 E . -11.95 -0.65 1.02
NBB DZ0 E . -10.58 -0.27 1.35
CAQ DZ0 E . -10.30 1.14 1.03
CAV DZ0 E . -8.95 1.41 0.86
CAH DZ0 E . -8.31 1.02 -0.28
CAF DZ0 E . -6.97 1.26 -0.50
CAE DZ0 E . -6.27 1.91 0.48
CAG DZ0 E . -6.92 2.32 1.62
CAI DZ0 E . -8.25 2.08 1.83
#